data_1R8J
#
_entry.id   1R8J
#
_cell.length_a   47.111
_cell.length_b   125.818
_cell.length_c   56.818
_cell.angle_alpha   90.00
_cell.angle_beta   114.90
_cell.angle_gamma   90.00
#
_symmetry.space_group_name_H-M   'P 1 21 1'
#
loop_
_entity.id
_entity.type
_entity.pdbx_description
1 polymer KaiA
2 water water
#
_entity_poly.entity_id   1
_entity_poly.type   'polypeptide(L)'
_entity_poly.pdbx_seq_one_letter_code
;AMADIVLSQIAICIWVESTAILQDCQRALSADRYQLQVCESGEMLLEYAQTHRDQIDCLILVAANPSFRAVVQQLCFEGV
VVPAIVVGDRDSEDPDEPAKEQLYHSAELHLGIHQLEQLPYQVDAALAEFLRLAPVETMADHIMLMGANHDPELSSQQRD
LAQRLQERLGYLGVYYKRDPDRFLRNLPAYESQKLHQAMQTSYREIVLSYFSPNSNLNQSIDNFVNMAFFADVPVTKVVE
IHMELMDEFAKKLRVEGRSEDILLDYRLTLIDVIAHLCEMYRRSIPRET
;
_entity_poly.pdbx_strand_id   A,B
#
# COMPACT_ATOMS: atom_id res chain seq x y z
N VAL A 6 6.44 -23.01 -5.89
CA VAL A 6 5.41 -22.40 -6.79
C VAL A 6 5.99 -21.15 -7.52
N LEU A 7 7.23 -20.81 -7.16
CA LEU A 7 7.89 -19.67 -7.76
C LEU A 7 8.86 -20.11 -8.84
N SER A 8 9.06 -19.27 -9.83
CA SER A 8 9.99 -19.59 -10.90
C SER A 8 11.42 -19.46 -10.40
N GLN A 9 12.28 -20.35 -10.87
CA GLN A 9 13.72 -20.20 -10.72
C GLN A 9 14.16 -18.88 -11.36
N ILE A 10 15.15 -18.22 -10.76
CA ILE A 10 15.61 -16.92 -11.27
C ILE A 10 17.06 -17.02 -11.72
N ALA A 11 17.32 -16.67 -12.98
CA ALA A 11 18.66 -16.74 -13.53
C ALA A 11 19.36 -15.40 -13.40
N ILE A 12 20.39 -15.41 -12.57
CA ILE A 12 21.17 -14.22 -12.28
C ILE A 12 22.52 -14.32 -12.95
N CYS A 13 22.89 -13.27 -13.66
CA CYS A 13 24.22 -13.16 -14.22
C CYS A 13 24.97 -12.02 -13.51
N ILE A 14 26.09 -12.35 -12.87
CA ILE A 14 26.85 -11.37 -12.10
C ILE A 14 28.18 -11.06 -12.78
N TRP A 15 28.46 -9.77 -12.97
CA TRP A 15 29.77 -9.35 -13.45
C TRP A 15 30.52 -8.76 -12.28
N VAL A 16 31.45 -9.55 -11.75
CA VAL A 16 32.13 -9.21 -10.49
C VAL A 16 33.60 -9.61 -10.58
N GLU A 17 34.48 -8.74 -10.09
CA GLU A 17 35.92 -9.00 -10.15
C GLU A 17 36.57 -8.80 -8.77
N SER A 18 35.76 -8.95 -7.72
CA SER A 18 36.23 -8.85 -6.34
C SER A 18 35.77 -10.10 -5.59
N THR A 19 36.72 -10.79 -4.96
CA THR A 19 36.39 -11.96 -4.15
C THR A 19 35.34 -11.65 -3.08
N ALA A 20 35.52 -10.55 -2.36
CA ALA A 20 34.62 -10.17 -1.28
C ALA A 20 33.18 -9.94 -1.78
N ILE A 21 33.03 -9.27 -2.91
CA ILE A 21 31.70 -8.99 -3.46
C ILE A 21 31.02 -10.27 -3.93
N LEU A 22 31.81 -11.14 -4.57
CA LEU A 22 31.27 -12.38 -5.09
C LEU A 22 30.76 -13.27 -3.96
N GLN A 23 31.54 -13.35 -2.88
CA GLN A 23 31.15 -14.12 -1.69
C GLN A 23 29.86 -13.61 -1.04
N ASP A 24 29.75 -12.28 -0.92
CA ASP A 24 28.51 -11.67 -0.43
C ASP A 24 27.30 -11.99 -1.31
N CYS A 25 27.49 -11.91 -2.64
CA CYS A 25 26.44 -12.28 -3.59
C CYS A 25 26.04 -13.77 -3.48
N GLN A 26 27.04 -14.65 -3.44
CA GLN A 26 26.77 -16.09 -3.36
C GLN A 26 26.05 -16.45 -2.07
N ARG A 27 26.47 -15.84 -0.97
CA ARG A 27 25.83 -16.05 0.33
C ARG A 27 24.35 -15.61 0.32
N ALA A 28 24.10 -14.40 -0.18
CA ALA A 28 22.75 -13.85 -0.18
C ALA A 28 21.78 -14.61 -1.11
N LEU A 29 22.31 -15.12 -2.22
CA LEU A 29 21.48 -15.82 -3.21
C LEU A 29 21.79 -17.31 -3.22
N SER A 30 22.02 -17.87 -2.04
CA SER A 30 22.38 -19.27 -1.91
C SER A 30 21.20 -20.24 -2.11
N ALA A 31 19.96 -19.75 -1.99
CA ALA A 31 18.77 -20.61 -2.14
C ALA A 31 18.74 -21.29 -3.52
N ASP A 32 18.08 -22.45 -3.57
CA ASP A 32 17.94 -23.24 -4.79
C ASP A 32 17.25 -22.48 -5.92
N ARG A 33 16.42 -21.50 -5.55
CA ARG A 33 15.72 -20.66 -6.51
C ARG A 33 16.65 -19.89 -7.47
N TYR A 34 17.81 -19.47 -6.97
CA TYR A 34 18.71 -18.64 -7.75
C TYR A 34 19.76 -19.45 -8.48
N GLN A 35 19.82 -19.26 -9.80
CA GLN A 35 20.85 -19.87 -10.61
C GLN A 35 21.81 -18.78 -11.07
N LEU A 36 23.02 -18.85 -10.52
CA LEU A 36 24.01 -17.80 -10.68
C LEU A 36 24.98 -18.13 -11.79
N GLN A 37 25.17 -17.19 -12.70
CA GLN A 37 26.29 -17.25 -13.65
C GLN A 37 27.26 -16.11 -13.33
N VAL A 38 28.50 -16.47 -13.00
CA VAL A 38 29.50 -15.50 -12.60
C VAL A 38 30.33 -15.17 -13.84
N CYS A 39 30.42 -13.88 -14.15
CA CYS A 39 31.21 -13.41 -15.28
C CYS A 39 32.34 -12.62 -14.69
N GLU A 40 33.57 -13.03 -15.00
CA GLU A 40 34.74 -12.47 -14.31
C GLU A 40 35.54 -11.46 -15.13
N SER A 41 34.99 -11.05 -16.27
CA SER A 41 35.59 -10.00 -17.08
C SER A 41 34.51 -9.39 -17.98
N GLY A 42 34.73 -8.15 -18.41
CA GLY A 42 33.86 -7.50 -19.38
C GLY A 42 33.65 -8.32 -20.63
N GLU A 43 34.72 -8.89 -21.17
CA GLU A 43 34.64 -9.69 -22.39
C GLU A 43 33.73 -10.91 -22.22
N MET A 44 33.92 -11.61 -21.10
CA MET A 44 33.06 -12.74 -20.75
C MET A 44 31.59 -12.32 -20.67
N LEU A 45 31.33 -11.22 -19.97
CA LEU A 45 29.96 -10.73 -19.80
C LEU A 45 29.29 -10.44 -21.15
N LEU A 46 29.98 -9.63 -21.97
CA LEU A 46 29.47 -9.27 -23.30
C LEU A 46 29.19 -10.50 -24.14
N GLU A 47 30.04 -11.50 -24.05
CA GLU A 47 29.88 -12.71 -24.85
C GLU A 47 28.73 -13.55 -24.33
N TYR A 48 28.72 -13.79 -23.01
CA TYR A 48 27.63 -14.50 -22.36
C TYR A 48 26.27 -13.82 -22.59
N ALA A 49 26.21 -12.51 -22.36
CA ALA A 49 24.94 -11.78 -22.56
C ALA A 49 24.37 -11.92 -23.96
N GLN A 50 25.23 -11.81 -24.98
CA GLN A 50 24.81 -11.92 -26.39
C GLN A 50 24.32 -13.32 -26.75
N THR A 51 24.97 -14.35 -26.20
CA THR A 51 24.62 -15.73 -26.50
C THR A 51 23.48 -16.24 -25.61
N HIS A 52 23.23 -15.54 -24.50
CA HIS A 52 22.22 -15.98 -23.56
C HIS A 52 21.16 -14.90 -23.26
N ARG A 53 20.90 -14.04 -24.24
CA ARG A 53 20.00 -12.89 -24.03
C ARG A 53 18.57 -13.23 -23.60
N ASP A 54 18.13 -14.46 -23.84
CA ASP A 54 16.81 -14.91 -23.43
C ASP A 54 16.85 -15.80 -22.20
N GLN A 55 18.03 -15.88 -21.58
CA GLN A 55 18.25 -16.72 -20.41
C GLN A 55 18.80 -15.96 -19.21
N ILE A 56 18.65 -14.64 -19.20
CA ILE A 56 19.08 -13.81 -18.07
C ILE A 56 17.88 -13.05 -17.52
N ASP A 57 17.53 -13.35 -16.27
CA ASP A 57 16.41 -12.66 -15.64
C ASP A 57 16.84 -11.35 -14.99
N CYS A 58 18.03 -11.34 -14.41
CA CYS A 58 18.57 -10.15 -13.76
C CYS A 58 20.10 -10.14 -13.83
N LEU A 59 20.64 -8.98 -14.20
CA LEU A 59 22.07 -8.73 -14.17
C LEU A 59 22.44 -8.05 -12.88
N ILE A 60 23.58 -8.42 -12.31
CA ILE A 60 24.18 -7.68 -11.21
C ILE A 60 25.57 -7.20 -11.67
N LEU A 61 25.76 -5.89 -11.71
CA LEU A 61 26.98 -5.31 -12.26
C LEU A 61 27.64 -4.43 -11.22
N VAL A 62 28.94 -4.65 -11.01
CA VAL A 62 29.71 -3.82 -10.09
C VAL A 62 30.29 -2.58 -10.80
N ALA A 63 29.85 -1.38 -10.41
CA ALA A 63 30.20 -0.14 -11.09
C ALA A 63 31.71 0.14 -11.14
N ALA A 64 32.42 -0.36 -10.14
CA ALA A 64 33.87 -0.21 -10.03
C ALA A 64 34.71 -1.10 -10.98
N ASN A 65 34.09 -2.07 -11.64
CA ASN A 65 34.82 -2.98 -12.53
C ASN A 65 35.58 -2.20 -13.63
N PRO A 66 36.75 -2.68 -14.05
CA PRO A 66 37.47 -2.09 -15.20
C PRO A 66 36.60 -1.91 -16.45
N SER A 67 36.65 -0.71 -17.02
CA SER A 67 35.92 -0.39 -18.25
C SER A 67 34.41 -0.63 -18.16
N PHE A 68 33.85 -0.42 -16.96
CA PHE A 68 32.43 -0.58 -16.70
C PHE A 68 31.54 0.16 -17.71
N ARG A 69 31.77 1.46 -17.87
CA ARG A 69 31.02 2.30 -18.81
C ARG A 69 31.03 1.73 -20.23
N ALA A 70 32.23 1.41 -20.72
CA ALA A 70 32.41 0.90 -22.08
C ALA A 70 31.69 -0.45 -22.25
N VAL A 71 31.73 -1.28 -21.22
CA VAL A 71 30.99 -2.55 -21.25
C VAL A 71 29.47 -2.31 -21.26
N VAL A 72 29.00 -1.39 -20.42
CA VAL A 72 27.57 -1.09 -20.38
C VAL A 72 27.10 -0.50 -21.72
N GLN A 73 27.94 0.34 -22.33
CA GLN A 73 27.65 0.90 -23.65
C GLN A 73 27.49 -0.22 -24.69
N GLN A 74 28.38 -1.21 -24.65
CA GLN A 74 28.33 -2.30 -25.62
C GLN A 74 27.11 -3.19 -25.39
N LEU A 75 26.77 -3.40 -24.12
CA LEU A 75 25.54 -4.11 -23.76
C LEU A 75 24.33 -3.47 -24.45
N CYS A 76 24.22 -2.16 -24.33
CA CYS A 76 23.17 -1.36 -24.99
C CYS A 76 23.25 -1.44 -26.52
N PHE A 77 24.46 -1.26 -27.05
CA PHE A 77 24.71 -1.35 -28.49
C PHE A 77 24.29 -2.72 -29.04
N GLU A 78 24.61 -3.80 -28.34
CA GLU A 78 24.21 -5.16 -28.75
C GLU A 78 22.76 -5.54 -28.38
N GLY A 79 21.99 -4.58 -27.88
CA GLY A 79 20.57 -4.78 -27.59
C GLY A 79 20.23 -5.67 -26.41
N VAL A 80 21.10 -5.72 -25.41
CA VAL A 80 20.82 -6.55 -24.24
C VAL A 80 20.33 -5.62 -23.14
N VAL A 81 19.02 -5.65 -22.91
CA VAL A 81 18.34 -4.80 -21.93
C VAL A 81 17.50 -5.71 -21.04
N VAL A 82 17.96 -5.90 -19.81
CA VAL A 82 17.32 -6.83 -18.88
C VAL A 82 17.34 -6.20 -17.49
N PRO A 83 16.49 -6.71 -16.58
CA PRO A 83 16.44 -6.17 -15.22
C PRO A 83 17.84 -6.18 -14.62
N ALA A 84 18.15 -5.19 -13.81
CA ALA A 84 19.54 -5.00 -13.37
C ALA A 84 19.69 -4.35 -12.02
N ILE A 85 20.72 -4.79 -11.30
CA ILE A 85 21.20 -4.08 -10.11
C ILE A 85 22.65 -3.65 -10.33
N VAL A 86 22.91 -2.38 -10.08
CA VAL A 86 24.28 -1.86 -10.16
C VAL A 86 24.81 -1.68 -8.76
N VAL A 87 25.95 -2.32 -8.49
CA VAL A 87 26.50 -2.41 -7.14
C VAL A 87 27.61 -1.40 -6.98
N GLY A 88 27.48 -0.58 -5.94
CA GLY A 88 28.52 0.34 -5.55
C GLY A 88 28.65 1.50 -6.51
N ASP A 89 29.80 2.14 -6.49
CA ASP A 89 30.05 3.33 -7.30
C ASP A 89 31.51 3.43 -7.71
N ARG A 90 31.73 3.86 -8.95
CA ARG A 90 32.98 4.43 -9.44
C ARG A 90 32.46 5.18 -10.65
N ASP A 91 31.73 4.44 -11.47
CA ASP A 91 31.01 4.99 -12.59
C ASP A 91 29.52 4.77 -12.37
N PRO A 98 27.96 3.86 -3.64
CA PRO A 98 26.59 3.79 -4.14
C PRO A 98 26.28 4.89 -5.18
N ALA A 99 25.75 4.48 -6.33
CA ALA A 99 25.72 5.31 -7.53
C ALA A 99 24.75 6.50 -7.50
N LYS A 100 25.23 7.64 -7.99
CA LYS A 100 24.48 8.90 -7.95
C LYS A 100 23.54 9.08 -9.14
N GLU A 101 23.83 8.38 -10.25
CA GLU A 101 23.08 8.54 -11.48
C GLU A 101 22.84 7.21 -12.18
N GLN A 102 21.96 7.21 -13.18
CA GLN A 102 21.65 5.97 -13.90
C GLN A 102 22.64 5.68 -15.04
N LEU A 103 23.12 4.44 -15.07
CA LEU A 103 24.25 4.05 -15.92
C LEU A 103 23.90 3.07 -17.05
N TYR A 104 22.79 2.35 -16.91
CA TYR A 104 22.41 1.30 -17.87
C TYR A 104 20.99 1.53 -18.41
N HIS A 105 19.97 1.49 -17.55
CA HIS A 105 18.60 1.84 -17.95
C HIS A 105 17.76 2.43 -16.80
N SER A 106 16.55 2.87 -17.15
CA SER A 106 15.69 3.62 -16.23
C SER A 106 15.08 2.79 -15.10
N ALA A 107 15.17 1.46 -15.24
CA ALA A 107 14.65 0.52 -14.23
C ALA A 107 15.74 -0.12 -13.36
N GLU A 108 16.99 0.26 -13.58
CA GLU A 108 18.09 -0.31 -12.81
C GLU A 108 17.95 0.04 -11.33
N LEU A 109 18.38 -0.88 -10.46
CA LEU A 109 18.44 -0.58 -9.04
C LEU A 109 19.88 -0.29 -8.63
N HIS A 110 20.05 0.53 -7.60
CA HIS A 110 21.38 0.79 -7.04
C HIS A 110 21.51 0.19 -5.63
N LEU A 111 22.60 -0.52 -5.39
CA LEU A 111 22.80 -1.19 -4.09
C LEU A 111 24.24 -0.97 -3.68
N GLY A 112 24.47 -0.60 -2.42
CA GLY A 112 25.82 -0.47 -1.89
C GLY A 112 26.51 -1.81 -1.73
N ILE A 113 27.84 -1.80 -1.81
CA ILE A 113 28.65 -3.01 -1.60
C ILE A 113 28.45 -3.64 -0.24
N HIS A 114 28.00 -2.88 0.76
CA HIS A 114 27.75 -3.41 2.10
C HIS A 114 26.29 -3.81 2.34
N GLN A 115 25.48 -3.77 1.28
CA GLN A 115 24.04 -4.00 1.41
C GLN A 115 23.61 -5.27 0.70
N LEU A 116 24.59 -6.09 0.35
CA LEU A 116 24.33 -7.24 -0.51
C LEU A 116 23.50 -8.37 0.13
N GLU A 117 23.40 -8.38 1.47
CA GLU A 117 22.54 -9.35 2.15
C GLU A 117 21.06 -9.18 1.78
N GLN A 118 20.73 -7.98 1.33
CA GLN A 118 19.37 -7.68 0.90
C GLN A 118 19.00 -8.28 -0.46
N LEU A 119 19.95 -8.95 -1.13
CA LEU A 119 19.79 -9.30 -2.56
C LEU A 119 18.49 -9.98 -3.00
N PRO A 120 17.99 -10.98 -2.24
CA PRO A 120 16.72 -11.61 -2.61
C PRO A 120 15.57 -10.60 -2.73
N TYR A 121 15.48 -9.66 -1.79
CA TYR A 121 14.43 -8.64 -1.89
C TYR A 121 14.70 -7.64 -3.00
N GLN A 122 15.98 -7.30 -3.22
CA GLN A 122 16.31 -6.28 -4.20
C GLN A 122 16.23 -6.85 -5.61
N VAL A 123 16.52 -8.14 -5.75
CA VAL A 123 16.29 -8.82 -7.03
C VAL A 123 14.78 -8.81 -7.35
N ASP A 124 13.92 -9.16 -6.39
CA ASP A 124 12.47 -8.97 -6.58
C ASP A 124 12.15 -7.57 -7.09
N ALA A 125 12.74 -6.57 -6.41
CA ALA A 125 12.46 -5.17 -6.74
C ALA A 125 12.91 -4.81 -8.15
N ALA A 126 14.08 -5.30 -8.54
CA ALA A 126 14.63 -5.00 -9.87
C ALA A 126 13.77 -5.64 -10.96
N LEU A 127 13.31 -6.85 -10.73
CA LEU A 127 12.42 -7.54 -11.68
C LEU A 127 11.08 -6.80 -11.80
N ALA A 128 10.47 -6.49 -10.66
CA ALA A 128 9.16 -5.84 -10.66
C ALA A 128 9.22 -4.46 -11.27
N GLU A 129 10.32 -3.73 -11.04
CA GLU A 129 10.50 -2.39 -11.57
C GLU A 129 10.67 -2.42 -13.09
N PHE A 130 11.41 -3.42 -13.56
CA PHE A 130 11.55 -3.62 -14.99
C PHE A 130 10.19 -3.91 -15.64
N LEU A 131 9.44 -4.83 -15.04
CA LEU A 131 8.09 -5.16 -15.52
C LEU A 131 7.19 -3.93 -15.49
N ARG A 132 7.33 -3.11 -14.45
CA ARG A 132 6.51 -1.89 -14.35
C ARG A 132 6.78 -0.92 -15.50
N LEU A 133 8.05 -0.76 -15.87
CA LEU A 133 8.47 0.29 -16.78
C LEU A 133 8.72 -0.15 -18.24
N ALA A 134 8.73 -1.45 -18.50
CA ALA A 134 9.06 -1.96 -19.85
C ALA A 134 8.09 -1.38 -20.90
N PRO A 135 8.61 -0.94 -22.04
CA PRO A 135 10.05 -0.97 -22.35
C PRO A 135 10.79 0.21 -21.72
N VAL A 136 11.93 -0.09 -21.12
CA VAL A 136 12.68 0.91 -20.36
C VAL A 136 13.54 1.77 -21.28
N GLU A 137 13.98 2.91 -20.77
CA GLU A 137 14.84 3.82 -21.53
C GLU A 137 16.29 3.52 -21.22
N THR A 138 17.08 3.28 -22.26
CA THR A 138 18.51 3.06 -22.09
C THR A 138 19.22 4.39 -21.87
N MET A 139 20.25 4.36 -21.03
CA MET A 139 21.02 5.57 -20.72
C MET A 139 22.03 5.88 -21.83
N ALA A 140 22.66 4.84 -22.37
CA ALA A 140 23.58 4.99 -23.49
C ALA A 140 22.85 5.45 -24.76
N ASP A 141 21.70 4.82 -25.03
CA ASP A 141 20.96 5.01 -26.29
C ASP A 141 20.28 6.37 -26.36
N HIS A 142 19.39 6.62 -25.41
CA HIS A 142 18.58 7.84 -25.40
C HIS A 142 19.21 8.91 -24.51
N ILE A 143 19.16 10.16 -24.99
CA ILE A 143 19.66 11.31 -24.24
C ILE A 143 18.65 12.47 -24.26
N MET A 144 17.67 12.36 -25.17
CA MET A 144 16.63 13.36 -25.35
C MET A 144 15.27 12.84 -24.89
N LEU A 145 14.28 13.73 -24.83
CA LEU A 145 12.97 13.43 -24.24
C LEU A 145 12.12 12.53 -25.12
N MET A 146 11.79 11.34 -24.60
CA MET A 146 10.94 10.35 -25.27
C MET A 146 11.35 10.08 -26.73
N ASP A 151 18.23 -0.96 -31.54
CA ASP A 151 17.04 -1.72 -31.89
C ASP A 151 15.71 -0.96 -31.65
N PRO A 152 15.72 0.12 -30.86
CA PRO A 152 14.52 0.72 -30.23
C PRO A 152 13.11 0.47 -30.74
N GLU A 153 12.89 0.31 -32.05
CA GLU A 153 11.59 -0.11 -32.54
C GLU A 153 11.42 -1.61 -32.28
N LEU A 154 12.37 -2.40 -32.80
CA LEU A 154 12.43 -3.84 -32.54
C LEU A 154 13.02 -4.16 -31.15
N SER A 155 13.59 -3.15 -30.49
CA SER A 155 14.02 -3.29 -29.09
C SER A 155 12.81 -3.56 -28.19
N SER A 156 11.63 -3.68 -28.81
CA SER A 156 10.43 -4.15 -28.12
C SER A 156 10.42 -5.68 -28.04
N GLN A 157 11.58 -6.26 -28.32
CA GLN A 157 12.00 -7.53 -27.77
C GLN A 157 11.94 -7.42 -26.23
N GLN A 158 11.93 -6.17 -25.75
CA GLN A 158 11.74 -5.84 -24.33
C GLN A 158 10.35 -6.26 -23.84
N ARG A 159 9.32 -5.94 -24.61
CA ARG A 159 7.96 -6.34 -24.28
C ARG A 159 7.79 -7.87 -24.31
N ASP A 160 8.53 -8.54 -25.19
CA ASP A 160 8.57 -10.01 -25.25
C ASP A 160 9.26 -10.63 -24.01
N LEU A 161 10.37 -10.00 -23.58
CA LEU A 161 11.02 -10.39 -22.34
C LEU A 161 10.06 -10.21 -21.16
N ALA A 162 9.42 -9.05 -21.10
CA ALA A 162 8.47 -8.70 -20.04
C ALA A 162 7.30 -9.69 -19.95
N GLN A 163 6.76 -10.08 -21.10
CA GLN A 163 5.67 -11.08 -21.15
C GLN A 163 6.13 -12.41 -20.62
N ARG A 164 7.32 -12.83 -21.05
CA ARG A 164 7.93 -14.09 -20.59
C ARG A 164 8.17 -14.08 -19.09
N LEU A 165 8.71 -12.97 -18.59
CA LEU A 165 8.93 -12.82 -17.15
C LEU A 165 7.62 -12.75 -16.39
N GLN A 166 6.64 -12.02 -16.92
CA GLN A 166 5.39 -11.83 -16.19
C GLN A 166 4.61 -13.15 -16.06
N GLU A 167 4.76 -14.04 -17.04
CA GLU A 167 4.15 -15.37 -16.96
C GLU A 167 4.78 -16.24 -15.86
N ARG A 168 6.03 -15.95 -15.53
CA ARG A 168 6.73 -16.68 -14.48
C ARG A 168 6.66 -15.97 -13.11
N LEU A 169 6.61 -14.64 -13.14
CA LEU A 169 6.76 -13.84 -11.93
C LEU A 169 5.50 -13.03 -11.57
N GLY A 170 4.43 -13.21 -12.34
CA GLY A 170 3.18 -12.56 -12.04
C GLY A 170 2.10 -13.58 -11.73
N TYR A 171 1.07 -13.15 -11.01
CA TYR A 171 -0.10 -13.98 -10.76
C TYR A 171 -1.39 -13.16 -10.88
N LEU A 172 -2.47 -13.85 -11.23
CA LEU A 172 -3.80 -13.28 -11.33
C LEU A 172 -4.49 -13.32 -9.97
N GLY A 173 -5.12 -12.19 -9.62
CA GLY A 173 -5.87 -12.08 -8.38
C GLY A 173 -7.04 -11.13 -8.55
N VAL A 174 -8.04 -11.27 -7.68
CA VAL A 174 -9.22 -10.40 -7.75
C VAL A 174 -9.03 -9.17 -6.85
N TYR A 175 -9.40 -8.01 -7.37
CA TYR A 175 -9.31 -6.74 -6.66
C TYR A 175 -10.71 -6.12 -6.68
N TYR A 176 -11.04 -5.33 -5.65
CA TYR A 176 -12.32 -4.63 -5.64
C TYR A 176 -12.32 -3.59 -6.74
N LYS A 177 -13.37 -3.57 -7.57
CA LYS A 177 -13.37 -2.52 -8.57
C LYS A 177 -13.92 -1.22 -8.05
N ARG A 178 -12.96 -0.36 -7.72
CA ARG A 178 -13.24 1.02 -7.39
C ARG A 178 -13.76 1.70 -8.65
N ASP A 179 -14.60 2.71 -8.45
CA ASP A 179 -15.18 3.43 -9.58
C ASP A 179 -14.24 4.58 -9.98
N PRO A 180 -13.60 4.48 -11.16
CA PRO A 180 -12.66 5.54 -11.59
C PRO A 180 -13.31 6.91 -11.74
N ASP A 181 -14.60 6.94 -12.07
CA ASP A 181 -15.34 8.21 -12.19
C ASP A 181 -15.49 8.93 -10.85
N ARG A 182 -15.28 8.20 -9.76
CA ARG A 182 -15.38 8.77 -8.41
C ARG A 182 -13.99 9.02 -7.78
N PHE A 183 -12.91 8.76 -8.52
CA PHE A 183 -11.57 9.19 -8.10
C PHE A 183 -11.53 10.70 -8.01
N LEU A 184 -10.89 11.22 -6.97
CA LEU A 184 -10.77 12.66 -6.75
C LEU A 184 -10.24 13.42 -7.99
N ARG A 185 -9.33 12.80 -8.74
CA ARG A 185 -8.74 13.44 -9.92
C ARG A 185 -9.62 13.39 -11.18
N ASN A 186 -10.66 12.57 -11.17
CA ASN A 186 -11.57 12.43 -12.31
C ASN A 186 -12.93 13.11 -12.13
N LEU A 187 -13.20 13.62 -10.93
CA LEU A 187 -14.46 14.30 -10.66
C LEU A 187 -14.49 15.69 -11.27
N PRO A 188 -15.67 16.17 -11.65
CA PRO A 188 -15.85 17.60 -11.98
C PRO A 188 -15.42 18.48 -10.80
N ALA A 189 -14.79 19.61 -11.10
CA ALA A 189 -14.20 20.47 -10.06
C ALA A 189 -15.15 20.80 -8.91
N TYR A 190 -16.45 20.74 -9.17
CA TYR A 190 -17.45 20.99 -8.14
C TYR A 190 -17.57 19.81 -7.17
N GLU A 191 -17.80 18.61 -7.70
CA GLU A 191 -17.88 17.40 -6.87
C GLU A 191 -16.52 17.13 -6.21
N SER A 192 -15.45 17.48 -6.92
CA SER A 192 -14.08 17.44 -6.41
C SER A 192 -13.92 18.30 -5.15
N GLN A 193 -14.39 19.55 -5.24
CA GLN A 193 -14.42 20.47 -4.11
C GLN A 193 -15.23 19.88 -2.94
N LYS A 194 -16.37 19.26 -3.27
CA LYS A 194 -17.26 18.67 -2.27
C LYS A 194 -16.63 17.50 -1.51
N LEU A 195 -15.92 16.64 -2.24
CA LEU A 195 -15.21 15.52 -1.62
C LEU A 195 -14.06 16.03 -0.77
N HIS A 196 -13.31 16.98 -1.32
CA HIS A 196 -12.20 17.59 -0.60
C HIS A 196 -12.67 18.17 0.74
N GLN A 197 -13.78 18.92 0.70
CA GLN A 197 -14.37 19.49 1.90
C GLN A 197 -14.81 18.44 2.91
N ALA A 198 -15.39 17.35 2.42
CA ALA A 198 -15.80 16.24 3.27
C ALA A 198 -14.59 15.56 3.90
N MET A 199 -13.50 15.45 3.12
CA MET A 199 -12.27 14.87 3.64
C MET A 199 -11.64 15.77 4.71
N GLN A 200 -11.74 17.09 4.50
CA GLN A 200 -11.32 18.08 5.50
C GLN A 200 -12.13 18.00 6.81
N THR A 201 -13.44 17.86 6.70
CA THR A 201 -14.30 17.73 7.88
C THR A 201 -13.95 16.50 8.67
N SER A 202 -13.76 15.40 7.95
CA SER A 202 -13.38 14.14 8.54
C SER A 202 -12.01 14.23 9.23
N TYR A 203 -11.06 14.89 8.55
CA TYR A 203 -9.71 15.07 9.09
C TYR A 203 -9.73 15.95 10.35
N ARG A 204 -10.50 17.03 10.32
CA ARG A 204 -10.68 17.90 11.49
C ARG A 204 -11.16 17.09 12.70
N GLU A 205 -12.09 16.18 12.45
CA GLU A 205 -12.63 15.31 13.49
C GLU A 205 -11.54 14.39 14.07
N ILE A 206 -10.67 13.86 13.21
CA ILE A 206 -9.53 13.08 13.70
C ILE A 206 -8.63 13.94 14.60
N VAL A 207 -8.28 15.14 14.12
CA VAL A 207 -7.35 16.02 14.83
C VAL A 207 -7.90 16.40 16.20
N LEU A 208 -9.12 16.92 16.21
CA LEU A 208 -9.78 17.33 17.45
C LEU A 208 -9.85 16.19 18.45
N SER A 209 -10.01 14.97 17.97
CA SER A 209 -10.18 13.83 18.86
C SER A 209 -8.88 13.07 19.21
N TYR A 210 -7.80 13.35 18.47
CA TYR A 210 -6.60 12.51 18.51
C TYR A 210 -6.02 12.27 19.91
N PHE A 211 -5.83 13.35 20.66
CA PHE A 211 -5.25 13.26 22.01
C PHE A 211 -6.30 13.26 23.13
N SER A 212 -7.57 13.11 22.75
CA SER A 212 -8.67 12.99 23.71
C SER A 212 -8.89 11.52 24.10
N PRO A 213 -9.03 11.24 25.40
CA PRO A 213 -9.31 9.86 25.83
C PRO A 213 -10.74 9.46 25.48
N ASN A 214 -10.96 8.16 25.30
CA ASN A 214 -12.28 7.59 24.99
C ASN A 214 -13.08 8.26 23.86
N SER A 215 -12.38 8.95 22.96
CA SER A 215 -13.00 9.48 21.76
C SER A 215 -13.13 8.35 20.73
N ASN A 216 -13.88 8.59 19.67
CA ASN A 216 -14.10 7.59 18.63
C ASN A 216 -13.09 7.75 17.49
N LEU A 217 -11.81 7.72 17.86
CA LEU A 217 -10.71 8.05 16.95
C LEU A 217 -10.56 7.06 15.80
N ASN A 218 -10.53 5.77 16.11
CA ASN A 218 -10.37 4.73 15.09
C ASN A 218 -11.45 4.79 14.02
N GLN A 219 -12.71 4.95 14.44
CA GLN A 219 -13.84 5.14 13.52
C GLN A 219 -13.62 6.37 12.61
N SER A 220 -13.13 7.46 13.20
CA SER A 220 -12.88 8.70 12.46
C SER A 220 -11.76 8.52 11.44
N ILE A 221 -10.68 7.83 11.85
CA ILE A 221 -9.60 7.49 10.92
C ILE A 221 -10.11 6.60 9.78
N ASP A 222 -10.83 5.54 10.11
CA ASP A 222 -11.35 4.63 9.09
C ASP A 222 -12.21 5.34 8.06
N ASN A 223 -13.16 6.14 8.54
CA ASN A 223 -13.98 7.01 7.69
C ASN A 223 -13.17 7.85 6.68
N PHE A 224 -12.12 8.51 7.17
CA PHE A 224 -11.28 9.34 6.30
C PHE A 224 -10.59 8.46 5.28
N VAL A 225 -10.04 7.35 5.77
CA VAL A 225 -9.19 6.48 4.98
C VAL A 225 -9.99 5.76 3.90
N ASN A 226 -11.24 5.41 4.21
CA ASN A 226 -12.15 4.88 3.20
C ASN A 226 -12.38 5.83 2.04
N MET A 227 -12.59 7.11 2.34
CA MET A 227 -12.69 8.11 1.28
C MET A 227 -11.37 8.19 0.50
N ALA A 228 -10.24 8.27 1.21
CA ALA A 228 -8.93 8.38 0.55
C ALA A 228 -8.62 7.21 -0.38
N PHE A 229 -8.96 5.99 0.07
CA PHE A 229 -8.70 4.76 -0.66
C PHE A 229 -9.59 4.63 -1.89
N PHE A 230 -10.91 4.80 -1.67
CA PHE A 230 -11.89 4.57 -2.73
C PHE A 230 -11.93 5.67 -3.76
N ALA A 231 -11.48 6.86 -3.37
CA ALA A 231 -11.31 7.95 -4.33
C ALA A 231 -9.88 8.00 -4.87
N ASP A 232 -9.09 7.00 -4.50
CA ASP A 232 -7.71 6.82 -4.96
C ASP A 232 -6.91 8.13 -4.87
N VAL A 233 -6.89 8.73 -3.70
CA VAL A 233 -6.15 9.97 -3.53
C VAL A 233 -4.66 9.63 -3.27
N PRO A 234 -3.75 10.39 -3.87
CA PRO A 234 -2.31 10.22 -3.58
C PRO A 234 -2.00 10.66 -2.15
N VAL A 235 -0.91 10.14 -1.57
CA VAL A 235 -0.52 10.53 -0.22
C VAL A 235 -0.31 12.04 -0.08
N THR A 236 0.25 12.67 -1.11
CA THR A 236 0.44 14.13 -1.06
C THR A 236 -0.85 14.90 -0.77
N LYS A 237 -1.99 14.37 -1.23
CA LYS A 237 -3.27 15.05 -1.00
C LYS A 237 -3.67 14.97 0.49
N VAL A 238 -3.34 13.85 1.14
CA VAL A 238 -3.58 13.71 2.58
C VAL A 238 -2.69 14.68 3.38
N VAL A 239 -1.42 14.77 3.00
CA VAL A 239 -0.50 15.74 3.59
C VAL A 239 -1.05 17.16 3.43
N GLU A 240 -1.56 17.49 2.25
CA GLU A 240 -2.06 18.83 2.04
C GLU A 240 -3.32 19.15 2.86
N ILE A 241 -4.21 18.17 3.00
CA ILE A 241 -5.36 18.32 3.88
C ILE A 241 -4.88 18.57 5.32
N HIS A 242 -3.95 17.74 5.79
CA HIS A 242 -3.33 17.93 7.10
C HIS A 242 -2.80 19.37 7.25
N MET A 243 -2.05 19.84 6.26
CA MET A 243 -1.44 21.18 6.28
C MET A 243 -2.48 22.29 6.32
N GLU A 244 -3.56 22.12 5.56
CA GLU A 244 -4.71 23.02 5.59
C GLU A 244 -5.32 23.13 6.99
N LEU A 245 -5.50 21.99 7.66
CA LEU A 245 -6.07 22.00 8.99
C LEU A 245 -5.12 22.59 10.04
N MET A 246 -3.83 22.37 9.87
CA MET A 246 -2.82 22.97 10.75
C MET A 246 -2.84 24.50 10.63
N ASP A 247 -3.00 24.99 9.40
CA ASP A 247 -3.24 26.40 9.14
C ASP A 247 -4.38 26.91 10.01
N GLU A 248 -5.57 26.32 9.81
CA GLU A 248 -6.79 26.64 10.57
C GLU A 248 -6.59 26.59 12.09
N PHE A 249 -5.85 25.58 12.56
CA PHE A 249 -5.60 25.42 13.98
C PHE A 249 -4.60 26.44 14.52
N ALA A 250 -3.58 26.76 13.72
CA ALA A 250 -2.57 27.75 14.10
C ALA A 250 -3.21 29.13 14.34
N LYS A 251 -4.20 29.47 13.52
CA LYS A 251 -4.98 30.70 13.70
C LYS A 251 -5.86 30.63 14.95
N LYS A 252 -6.49 29.48 15.18
CA LYS A 252 -7.31 29.25 16.37
C LYS A 252 -6.49 29.42 17.65
N LEU A 253 -5.27 28.89 17.67
CA LEU A 253 -4.37 28.97 18.82
C LEU A 253 -3.84 30.39 19.09
N ARG A 254 -3.48 31.09 18.03
CA ARG A 254 -2.91 32.44 18.16
C ARG A 254 -3.93 33.49 18.57
N VAL A 255 -5.22 33.22 18.34
CA VAL A 255 -6.29 34.10 18.81
C VAL A 255 -6.88 33.61 20.14
N GLU A 256 -6.02 33.04 20.98
CA GLU A 256 -6.44 32.52 22.28
C GLU A 256 -5.31 32.56 23.31
N GLY A 257 -4.08 32.75 22.84
CA GLY A 257 -2.93 32.82 23.72
C GLY A 257 -2.03 31.59 23.69
N ARG A 258 -2.61 30.46 23.27
CA ARG A 258 -1.91 29.17 23.24
C ARG A 258 -0.78 29.17 22.21
N SER A 259 0.30 28.44 22.53
CA SER A 259 1.50 28.39 21.68
C SER A 259 1.28 27.52 20.44
N GLU A 260 1.90 27.93 19.34
CA GLU A 260 1.77 27.24 18.05
C GLU A 260 2.78 26.09 17.90
N ASP A 261 3.12 25.47 19.02
CA ASP A 261 4.10 24.37 19.04
C ASP A 261 3.45 23.06 19.45
N ILE A 262 2.22 23.14 19.92
CA ILE A 262 1.43 21.95 20.16
C ILE A 262 1.06 21.31 18.81
N LEU A 263 1.15 22.12 17.76
CA LEU A 263 0.82 21.70 16.40
C LEU A 263 1.73 20.59 15.88
N LEU A 264 2.99 20.60 16.32
CA LEU A 264 3.95 19.61 15.82
C LEU A 264 3.74 18.21 16.41
N ASP A 265 2.95 18.12 17.49
CA ASP A 265 2.53 16.82 17.99
C ASP A 265 1.54 16.16 17.04
N TYR A 266 0.84 16.96 16.23
CA TYR A 266 -0.10 16.43 15.26
C TYR A 266 0.58 15.76 14.05
N ARG A 267 1.90 15.83 14.00
CA ARG A 267 2.63 15.01 13.04
C ARG A 267 2.34 13.54 13.30
N LEU A 268 2.04 13.21 14.56
CA LEU A 268 1.68 11.84 14.95
C LEU A 268 0.37 11.42 14.33
N THR A 269 -0.60 12.33 14.36
CA THR A 269 -1.86 12.18 13.64
C THR A 269 -1.61 11.84 12.16
N LEU A 270 -0.80 12.66 11.49
CA LEU A 270 -0.52 12.46 10.06
C LEU A 270 0.15 11.12 9.79
N ILE A 271 1.15 10.77 10.62
CA ILE A 271 1.76 9.44 10.58
C ILE A 271 0.71 8.35 10.72
N ASP A 272 -0.15 8.48 11.73
CA ASP A 272 -1.20 7.51 12.02
C ASP A 272 -2.15 7.29 10.83
N VAL A 273 -2.57 8.40 10.24
CA VAL A 273 -3.50 8.37 9.12
C VAL A 273 -2.87 7.74 7.87
N ILE A 274 -1.68 8.19 7.49
CA ILE A 274 -0.98 7.59 6.34
C ILE A 274 -0.67 6.09 6.55
N ALA A 275 -0.34 5.69 7.79
CA ALA A 275 -0.10 4.29 8.13
C ALA A 275 -1.38 3.47 7.90
N HIS A 276 -2.50 4.00 8.36
CA HIS A 276 -3.79 3.37 8.12
C HIS A 276 -4.09 3.23 6.62
N LEU A 277 -3.89 4.30 5.85
CA LEU A 277 -4.05 4.22 4.41
C LEU A 277 -3.12 3.16 3.81
N CYS A 278 -1.86 3.17 4.22
CA CYS A 278 -0.88 2.18 3.73
C CYS A 278 -1.36 0.74 3.96
N GLU A 279 -1.87 0.46 5.16
CA GLU A 279 -2.34 -0.88 5.51
C GLU A 279 -3.53 -1.31 4.68
N MET A 280 -4.42 -0.36 4.38
CA MET A 280 -5.56 -0.66 3.54
C MET A 280 -5.09 -1.11 2.15
N TYR A 281 -4.16 -0.37 1.56
CA TYR A 281 -3.52 -0.83 0.31
C TYR A 281 -2.87 -2.20 0.46
N ARG A 282 -2.07 -2.36 1.52
CA ARG A 282 -1.36 -3.61 1.79
C ARG A 282 -2.31 -4.81 1.93
N ARG A 283 -3.41 -4.58 2.66
CA ARG A 283 -4.47 -5.55 2.88
C ARG A 283 -5.19 -5.90 1.59
N SER A 284 -5.11 -5.01 0.60
CA SER A 284 -5.90 -5.16 -0.62
C SER A 284 -5.28 -6.15 -1.62
N ILE A 285 -4.00 -6.47 -1.43
CA ILE A 285 -3.28 -7.38 -2.32
C ILE A 285 -3.74 -8.83 -2.13
N PRO A 286 -4.31 -9.44 -3.16
CA PRO A 286 -4.78 -10.83 -3.08
C PRO A 286 -3.68 -11.82 -2.71
N ARG A 287 -4.03 -12.82 -1.89
CA ARG A 287 -3.14 -13.86 -1.37
C ARG A 287 -2.05 -13.31 -0.46
N VAL B 6 -17.27 -0.91 -16.49
CA VAL B 6 -18.61 -1.51 -16.20
C VAL B 6 -18.79 -1.77 -14.70
N LEU B 7 -19.71 -1.04 -14.07
CA LEU B 7 -19.97 -1.21 -12.65
C LEU B 7 -21.39 -1.73 -12.36
N SER B 8 -21.46 -2.74 -11.50
CA SER B 8 -22.72 -3.39 -11.15
C SER B 8 -23.60 -2.48 -10.29
N GLN B 9 -24.91 -2.58 -10.48
CA GLN B 9 -25.87 -1.92 -9.60
C GLN B 9 -25.79 -2.51 -8.20
N ILE B 10 -26.07 -1.69 -7.19
CA ILE B 10 -25.93 -2.11 -5.80
C ILE B 10 -27.25 -1.99 -5.04
N ALA B 11 -27.73 -3.13 -4.56
CA ALA B 11 -29.00 -3.25 -3.86
C ALA B 11 -28.81 -2.95 -2.39
N ILE B 12 -29.24 -1.77 -1.99
CA ILE B 12 -29.14 -1.33 -0.60
C ILE B 12 -30.50 -1.40 0.07
N CYS B 13 -30.50 -2.02 1.25
CA CYS B 13 -31.68 -2.10 2.09
C CYS B 13 -31.39 -1.36 3.39
N ILE B 14 -32.19 -0.36 3.70
CA ILE B 14 -31.95 0.48 4.86
C ILE B 14 -33.08 0.43 5.87
N TRP B 15 -32.74 0.09 7.11
CA TRP B 15 -33.67 0.12 8.21
C TRP B 15 -33.42 1.39 9.02
N VAL B 16 -34.24 2.39 8.74
CA VAL B 16 -34.08 3.73 9.27
C VAL B 16 -35.44 4.23 9.75
N GLU B 17 -35.46 4.89 10.90
CA GLU B 17 -36.72 5.34 11.49
C GLU B 17 -36.75 6.85 11.71
N SER B 18 -35.59 7.47 11.50
CA SER B 18 -35.44 8.92 11.49
C SER B 18 -35.49 9.40 10.04
N THR B 19 -36.33 10.40 9.78
CA THR B 19 -36.45 10.99 8.45
C THR B 19 -35.19 11.77 8.06
N ALA B 20 -34.54 12.41 9.02
CA ALA B 20 -33.33 13.16 8.73
C ALA B 20 -32.24 12.21 8.19
N ILE B 21 -31.95 11.15 8.95
CA ILE B 21 -31.00 10.13 8.55
C ILE B 21 -31.36 9.57 7.18
N LEU B 22 -32.64 9.27 6.98
CA LEU B 22 -33.09 8.70 5.72
C LEU B 22 -32.78 9.62 4.55
N GLN B 23 -33.19 10.88 4.66
CA GLN B 23 -32.93 11.87 3.62
C GLN B 23 -31.44 12.09 3.35
N ASP B 24 -30.63 12.03 4.41
CA ASP B 24 -29.19 12.10 4.22
C ASP B 24 -28.72 10.96 3.31
N CYS B 25 -29.22 9.75 3.55
CA CYS B 25 -28.85 8.56 2.78
C CYS B 25 -29.37 8.61 1.34
N GLN B 26 -30.61 9.06 1.16
CA GLN B 26 -31.20 9.21 -0.17
C GLN B 26 -30.40 10.19 -1.02
N ARG B 27 -29.98 11.29 -0.39
CA ARG B 27 -29.16 12.31 -1.05
C ARG B 27 -27.77 11.75 -1.44
N ALA B 28 -27.14 11.06 -0.50
CA ALA B 28 -25.79 10.48 -0.69
C ALA B 28 -25.78 9.36 -1.74
N LEU B 29 -26.85 8.55 -1.75
CA LEU B 29 -26.99 7.45 -2.71
C LEU B 29 -27.93 7.77 -3.87
N SER B 30 -27.93 9.03 -4.29
CA SER B 30 -28.84 9.49 -5.35
C SER B 30 -28.51 8.93 -6.74
N ALA B 31 -27.22 8.68 -7.02
CA ALA B 31 -26.80 8.07 -8.28
C ALA B 31 -27.56 6.79 -8.58
N ASP B 32 -27.85 6.53 -9.85
CA ASP B 32 -28.71 5.38 -10.19
C ASP B 32 -28.02 4.01 -10.11
N ARG B 33 -26.76 4.01 -9.71
CA ARG B 33 -26.01 2.79 -9.43
C ARG B 33 -26.59 2.12 -8.16
N TYR B 34 -27.24 2.92 -7.33
CA TYR B 34 -27.78 2.44 -6.06
C TYR B 34 -29.30 2.27 -6.12
N GLN B 35 -29.76 1.08 -5.75
CA GLN B 35 -31.18 0.80 -5.62
C GLN B 35 -31.52 0.69 -4.14
N LEU B 36 -32.36 1.61 -3.68
CA LEU B 36 -32.65 1.72 -2.27
C LEU B 36 -34.00 1.12 -1.90
N GLN B 37 -33.96 0.20 -0.94
CA GLN B 37 -35.17 -0.34 -0.33
C GLN B 37 -35.24 0.18 1.11
N VAL B 38 -36.36 0.81 1.44
CA VAL B 38 -36.54 1.41 2.76
C VAL B 38 -37.48 0.58 3.62
N CYS B 39 -36.96 0.15 4.78
CA CYS B 39 -37.73 -0.59 5.77
C CYS B 39 -37.89 0.28 7.01
N GLU B 40 -39.13 0.51 7.40
CA GLU B 40 -39.44 1.49 8.45
C GLU B 40 -39.61 0.87 9.84
N SER B 41 -39.49 -0.44 9.91
CA SER B 41 -39.61 -1.16 11.19
C SER B 41 -38.78 -2.44 11.21
N GLY B 42 -38.52 -2.95 12.40
CA GLY B 42 -37.77 -4.18 12.59
C GLY B 42 -38.43 -5.38 11.95
N GLU B 43 -39.75 -5.50 12.10
CA GLU B 43 -40.50 -6.61 11.49
C GLU B 43 -40.54 -6.50 9.96
N MET B 44 -40.61 -5.28 9.46
CA MET B 44 -40.60 -5.04 8.01
C MET B 44 -39.24 -5.36 7.37
N LEU B 45 -38.17 -5.13 8.12
CA LEU B 45 -36.82 -5.52 7.68
C LEU B 45 -36.70 -7.04 7.70
N LEU B 46 -37.12 -7.64 8.81
CA LEU B 46 -37.08 -9.09 8.99
C LEU B 46 -37.90 -9.80 7.91
N GLU B 47 -39.07 -9.24 7.59
CA GLU B 47 -39.93 -9.79 6.55
C GLU B 47 -39.25 -9.70 5.19
N TYR B 48 -38.77 -8.51 4.84
CA TYR B 48 -38.14 -8.28 3.55
C TYR B 48 -36.89 -9.14 3.34
N ALA B 49 -36.02 -9.17 4.35
CA ALA B 49 -34.71 -9.84 4.25
C ALA B 49 -34.80 -11.36 4.12
N GLN B 50 -35.89 -11.94 4.62
CA GLN B 50 -36.05 -13.40 4.63
C GLN B 50 -36.44 -13.98 3.27
N THR B 51 -37.16 -13.18 2.47
CA THR B 51 -37.47 -13.55 1.09
C THR B 51 -36.32 -13.14 0.18
N HIS B 52 -36.06 -11.83 0.15
CA HIS B 52 -35.04 -11.23 -0.72
C HIS B 52 -33.63 -11.47 -0.15
N ARG B 53 -33.36 -12.70 0.27
CA ARG B 53 -32.06 -13.08 0.85
C ARG B 53 -30.91 -12.88 -0.12
N ASP B 54 -31.17 -13.14 -1.39
CA ASP B 54 -30.16 -13.08 -2.44
C ASP B 54 -30.25 -11.77 -3.21
N GLN B 55 -31.09 -10.87 -2.72
CA GLN B 55 -31.34 -9.58 -3.38
C GLN B 55 -30.90 -8.37 -2.54
N ILE B 56 -30.00 -8.59 -1.59
CA ILE B 56 -29.44 -7.52 -0.76
C ILE B 56 -27.92 -7.52 -0.84
N ASP B 57 -27.36 -6.47 -1.41
CA ASP B 57 -25.90 -6.33 -1.50
C ASP B 57 -25.31 -5.70 -0.24
N CYS B 58 -26.07 -4.80 0.38
CA CYS B 58 -25.59 -4.07 1.56
C CYS B 58 -26.76 -3.61 2.43
N LEU B 59 -26.62 -3.84 3.73
CA LEU B 59 -27.58 -3.36 4.72
C LEU B 59 -27.06 -2.09 5.41
N ILE B 60 -27.91 -1.08 5.55
CA ILE B 60 -27.61 0.09 6.38
C ILE B 60 -28.59 0.08 7.57
N LEU B 61 -28.05 -0.13 8.77
CA LEU B 61 -28.85 -0.31 9.98
C LEU B 61 -28.51 0.74 11.04
N VAL B 62 -29.52 1.50 11.45
CA VAL B 62 -29.38 2.47 12.54
C VAL B 62 -29.42 1.74 13.88
N ALA B 63 -28.35 1.87 14.65
CA ALA B 63 -28.15 1.05 15.86
C ALA B 63 -29.16 1.31 16.99
N ALA B 64 -29.68 2.53 17.04
CA ALA B 64 -30.64 2.92 18.08
C ALA B 64 -32.06 2.42 17.84
N ASN B 65 -32.32 1.88 16.65
CA ASN B 65 -33.66 1.40 16.28
C ASN B 65 -34.21 0.38 17.29
N PRO B 66 -35.50 0.52 17.64
CA PRO B 66 -36.17 -0.44 18.52
C PRO B 66 -35.89 -1.91 18.19
N SER B 67 -35.53 -2.67 19.24
CA SER B 67 -35.19 -4.09 19.15
C SER B 67 -34.05 -4.42 18.16
N PHE B 68 -33.08 -3.51 18.09
CA PHE B 68 -31.92 -3.67 17.21
C PHE B 68 -31.26 -5.03 17.41
N ARG B 69 -30.94 -5.34 18.66
CA ARG B 69 -30.28 -6.60 19.03
C ARG B 69 -31.05 -7.81 18.53
N ALA B 70 -32.36 -7.82 18.78
CA ALA B 70 -33.24 -8.95 18.45
C ALA B 70 -33.38 -9.14 16.95
N VAL B 71 -33.48 -8.02 16.23
CA VAL B 71 -33.54 -8.02 14.77
C VAL B 71 -32.25 -8.58 14.17
N VAL B 72 -31.12 -8.08 14.66
CA VAL B 72 -29.81 -8.55 14.21
C VAL B 72 -29.59 -10.03 14.53
N GLN B 73 -29.99 -10.44 15.74
CA GLN B 73 -29.89 -11.85 16.16
C GLN B 73 -30.71 -12.78 15.27
N GLN B 74 -31.92 -12.35 14.90
CA GLN B 74 -32.78 -13.10 13.99
C GLN B 74 -32.15 -13.23 12.61
N LEU B 75 -31.60 -12.12 12.12
CA LEU B 75 -30.91 -12.08 10.82
C LEU B 75 -29.77 -13.10 10.80
N CYS B 76 -29.01 -13.13 11.90
CA CYS B 76 -27.87 -14.03 12.05
C CYS B 76 -28.29 -15.49 12.18
N PHE B 77 -29.26 -15.75 13.06
CA PHE B 77 -29.82 -17.09 13.27
C PHE B 77 -30.37 -17.63 11.95
N GLU B 78 -31.06 -16.77 11.19
CA GLU B 78 -31.59 -17.13 9.89
C GLU B 78 -30.53 -17.19 8.79
N GLY B 79 -29.31 -16.79 9.11
CA GLY B 79 -28.21 -16.87 8.16
C GLY B 79 -28.18 -15.76 7.13
N VAL B 80 -28.96 -14.70 7.38
CA VAL B 80 -28.91 -13.50 6.56
C VAL B 80 -27.75 -12.67 7.08
N VAL B 81 -26.59 -12.85 6.46
CA VAL B 81 -25.37 -12.13 6.81
C VAL B 81 -24.82 -11.51 5.53
N VAL B 82 -24.92 -10.19 5.44
CA VAL B 82 -24.51 -9.46 4.23
C VAL B 82 -23.64 -8.26 4.62
N PRO B 83 -22.90 -7.68 3.68
CA PRO B 83 -22.17 -6.43 3.95
C PRO B 83 -23.09 -5.40 4.61
N ALA B 84 -22.57 -4.65 5.57
CA ALA B 84 -23.42 -3.80 6.40
C ALA B 84 -22.73 -2.54 6.91
N ILE B 85 -23.51 -1.46 6.96
CA ILE B 85 -23.11 -0.24 7.64
C ILE B 85 -24.03 -0.05 8.85
N VAL B 86 -23.45 -0.01 10.04
CA VAL B 86 -24.19 0.29 11.25
C VAL B 86 -24.04 1.78 11.54
N VAL B 87 -25.17 2.50 11.54
CA VAL B 87 -25.18 3.94 11.75
C VAL B 87 -25.44 4.30 13.21
N GLY B 88 -24.55 5.12 13.79
CA GLY B 88 -24.73 5.64 15.13
C GLY B 88 -24.51 4.60 16.20
N ASP B 89 -24.74 4.97 17.46
CA ASP B 89 -24.58 4.03 18.59
C ASP B 89 -25.95 3.67 19.17
N PRO B 98 -22.07 7.02 16.73
CA PRO B 98 -20.75 6.49 16.37
C PRO B 98 -20.36 5.30 17.27
N ALA B 99 -20.44 4.08 16.73
CA ALA B 99 -20.34 2.86 17.53
C ALA B 99 -18.90 2.39 17.75
N LYS B 100 -18.70 1.68 18.85
CA LYS B 100 -17.37 1.27 19.29
C LYS B 100 -17.10 -0.23 19.17
N GLU B 101 -18.16 -1.05 19.04
CA GLU B 101 -17.96 -2.50 19.00
C GLU B 101 -18.89 -3.35 18.12
N GLN B 102 -19.05 -4.60 18.55
CA GLN B 102 -19.49 -5.75 17.76
C GLN B 102 -21.00 -5.93 17.58
N LEU B 103 -21.65 -5.14 16.73
CA LEU B 103 -23.11 -5.17 16.71
C LEU B 103 -23.77 -6.23 15.80
N TYR B 104 -23.21 -6.50 14.62
CA TYR B 104 -23.84 -7.41 13.66
C TYR B 104 -22.86 -8.47 13.15
N HIS B 105 -21.80 -8.04 12.45
CA HIS B 105 -20.72 -8.95 12.08
C HIS B 105 -19.35 -8.26 12.04
N SER B 106 -18.30 -9.06 11.85
CA SER B 106 -16.92 -8.56 12.00
C SER B 106 -16.43 -7.72 10.81
N ALA B 107 -17.21 -7.70 9.73
CA ALA B 107 -16.92 -6.89 8.55
C ALA B 107 -17.76 -5.61 8.49
N GLU B 108 -18.54 -5.35 9.54
CA GLU B 108 -19.44 -4.21 9.57
C GLU B 108 -18.70 -2.87 9.68
N LEU B 109 -19.22 -1.87 8.96
CA LEU B 109 -18.72 -0.51 9.03
C LEU B 109 -19.56 0.28 10.01
N HIS B 110 -18.90 1.14 10.79
CA HIS B 110 -19.57 2.04 11.70
C HIS B 110 -19.46 3.46 11.19
N LEU B 111 -20.60 4.13 11.07
CA LEU B 111 -20.66 5.54 10.69
C LEU B 111 -21.52 6.28 11.69
N GLY B 112 -21.12 7.51 12.00
CA GLY B 112 -21.97 8.40 12.77
C GLY B 112 -23.00 9.04 11.86
N ILE B 113 -24.10 9.52 12.44
CA ILE B 113 -25.18 10.18 11.68
C ILE B 113 -24.69 11.41 10.92
N HIS B 114 -23.54 11.94 11.32
CA HIS B 114 -22.97 13.12 10.66
C HIS B 114 -21.82 12.79 9.68
N GLN B 115 -21.63 11.50 9.42
CA GLN B 115 -20.63 11.04 8.45
C GLN B 115 -21.30 10.33 7.25
N LEU B 116 -22.42 10.89 6.77
CA LEU B 116 -23.22 10.17 5.76
C LEU B 116 -23.19 10.79 4.37
N GLU B 117 -22.64 11.99 4.24
CA GLU B 117 -22.63 12.70 2.96
C GLU B 117 -21.92 11.92 1.84
N GLN B 118 -20.89 11.15 2.21
CA GLN B 118 -20.08 10.46 1.22
C GLN B 118 -20.33 8.96 1.27
N LEU B 119 -21.59 8.60 1.54
CA LEU B 119 -22.01 7.20 1.66
C LEU B 119 -21.54 6.23 0.53
N PRO B 120 -21.52 6.66 -0.73
CA PRO B 120 -21.01 5.80 -1.81
C PRO B 120 -19.64 5.17 -1.50
N TYR B 121 -18.70 5.97 -0.98
CA TYR B 121 -17.36 5.50 -0.64
C TYR B 121 -17.39 4.52 0.52
N GLN B 122 -18.28 4.75 1.48
CA GLN B 122 -18.44 3.87 2.62
C GLN B 122 -19.17 2.56 2.24
N VAL B 123 -20.06 2.63 1.26
CA VAL B 123 -20.70 1.41 0.75
C VAL B 123 -19.65 0.54 0.03
N ASP B 124 -18.82 1.17 -0.80
CA ASP B 124 -17.65 0.49 -1.40
C ASP B 124 -16.85 -0.20 -0.30
N ALA B 125 -16.53 0.55 0.75
CA ALA B 125 -15.80 0.01 1.89
C ALA B 125 -16.46 -1.21 2.53
N ALA B 126 -17.78 -1.12 2.76
CA ALA B 126 -18.53 -2.22 3.41
C ALA B 126 -18.53 -3.48 2.55
N LEU B 127 -18.76 -3.32 1.26
CA LEU B 127 -18.73 -4.42 0.30
C LEU B 127 -17.36 -5.08 0.22
N ALA B 128 -16.33 -4.24 0.08
CA ALA B 128 -14.95 -4.70 -0.04
C ALA B 128 -14.48 -5.47 1.20
N GLU B 129 -14.79 -4.93 2.38
CA GLU B 129 -14.38 -5.56 3.64
C GLU B 129 -15.05 -6.91 3.88
N PHE B 130 -16.34 -7.01 3.53
CA PHE B 130 -17.05 -8.27 3.63
C PHE B 130 -16.43 -9.33 2.72
N LEU B 131 -16.09 -8.90 1.50
CA LEU B 131 -15.44 -9.77 0.52
C LEU B 131 -14.08 -10.24 1.00
N ARG B 132 -13.35 -9.34 1.64
CA ARG B 132 -12.03 -9.65 2.19
C ARG B 132 -12.11 -10.66 3.32
N LEU B 133 -13.12 -10.51 4.18
CA LEU B 133 -13.20 -11.28 5.41
C LEU B 133 -14.12 -12.53 5.39
N ALA B 134 -14.94 -12.69 4.35
CA ALA B 134 -15.87 -13.84 4.27
C ALA B 134 -15.13 -15.18 4.21
N PRO B 135 -15.54 -16.16 5.03
CA PRO B 135 -16.73 -16.05 5.89
C PRO B 135 -16.46 -15.25 7.14
N VAL B 136 -17.34 -14.27 7.35
CA VAL B 136 -17.23 -13.36 8.48
C VAL B 136 -17.79 -14.00 9.75
N GLU B 137 -17.23 -13.59 10.90
CA GLU B 137 -17.78 -13.98 12.19
C GLU B 137 -18.99 -13.10 12.49
N THR B 138 -20.11 -13.74 12.84
CA THR B 138 -21.33 -13.01 13.15
C THR B 138 -21.38 -12.68 14.64
N MET B 139 -21.58 -11.41 14.94
CA MET B 139 -21.56 -10.92 16.31
C MET B 139 -22.93 -11.05 16.98
N ALA B 140 -23.59 -12.18 16.69
CA ALA B 140 -24.86 -12.55 17.31
C ALA B 140 -25.04 -14.07 17.22
N ASP B 141 -23.92 -14.80 17.19
CA ASP B 141 -23.91 -16.26 17.18
C ASP B 141 -22.54 -16.77 17.64
N PRO B 152 -21.26 -23.50 11.86
CA PRO B 152 -19.91 -23.27 11.33
C PRO B 152 -19.50 -24.28 10.24
N GLU B 153 -20.49 -24.89 9.58
CA GLU B 153 -20.24 -25.73 8.40
C GLU B 153 -21.12 -25.27 7.22
N LEU B 154 -22.44 -25.28 7.41
CA LEU B 154 -23.37 -24.75 6.41
C LEU B 154 -23.30 -23.22 6.45
N SER B 155 -22.70 -22.68 7.51
CA SER B 155 -22.31 -21.28 7.58
C SER B 155 -21.13 -21.03 6.64
N SER B 156 -21.36 -21.37 5.38
CA SER B 156 -20.48 -21.03 4.26
C SER B 156 -21.39 -20.77 3.04
N GLN B 157 -22.64 -20.43 3.36
CA GLN B 157 -23.53 -19.76 2.42
C GLN B 157 -22.92 -18.38 2.19
N GLN B 158 -22.19 -17.91 3.19
CA GLN B 158 -21.35 -16.72 3.11
C GLN B 158 -20.38 -16.81 1.94
N ARG B 159 -19.72 -17.97 1.82
CA ARG B 159 -18.82 -18.24 0.71
C ARG B 159 -19.55 -18.08 -0.64
N ASP B 160 -20.76 -18.62 -0.72
CA ASP B 160 -21.60 -18.52 -1.92
C ASP B 160 -21.90 -17.06 -2.26
N LEU B 161 -22.39 -16.33 -1.27
CA LEU B 161 -22.73 -14.91 -1.42
C LEU B 161 -21.51 -14.06 -1.80
N ALA B 162 -20.38 -14.35 -1.16
CA ALA B 162 -19.11 -13.66 -1.42
C ALA B 162 -18.67 -13.88 -2.86
N GLN B 163 -18.75 -15.12 -3.33
CA GLN B 163 -18.43 -15.45 -4.71
C GLN B 163 -19.36 -14.74 -5.69
N ARG B 164 -20.66 -14.74 -5.40
CA ARG B 164 -21.65 -14.03 -6.21
C ARG B 164 -21.33 -12.54 -6.33
N LEU B 165 -21.13 -11.88 -5.19
CA LEU B 165 -20.75 -10.46 -5.14
C LEU B 165 -19.45 -10.18 -5.90
N GLN B 166 -18.49 -11.10 -5.80
CA GLN B 166 -17.18 -10.95 -6.44
C GLN B 166 -17.25 -10.88 -7.97
N GLU B 167 -18.19 -11.63 -8.56
CA GLU B 167 -18.40 -11.62 -10.01
C GLU B 167 -18.77 -10.24 -10.51
N ARG B 168 -19.50 -9.49 -9.69
CA ARG B 168 -19.98 -8.17 -10.08
C ARG B 168 -19.09 -7.04 -9.60
N LEU B 169 -18.43 -7.26 -8.46
CA LEU B 169 -17.72 -6.17 -7.79
C LEU B 169 -16.19 -6.28 -7.82
N GLY B 170 -15.70 -7.33 -8.47
CA GLY B 170 -14.26 -7.53 -8.61
C GLY B 170 -13.77 -7.59 -10.05
N TYR B 171 -12.48 -7.38 -10.23
CA TYR B 171 -11.83 -7.54 -11.53
C TYR B 171 -10.51 -8.26 -11.34
N LEU B 172 -10.11 -9.03 -12.35
CA LEU B 172 -8.86 -9.77 -12.28
C LEU B 172 -7.70 -8.88 -12.69
N GLY B 173 -6.59 -8.98 -11.97
CA GLY B 173 -5.41 -8.22 -12.32
C GLY B 173 -4.15 -9.01 -12.02
N VAL B 174 -3.04 -8.58 -12.61
CA VAL B 174 -1.74 -9.23 -12.43
C VAL B 174 -0.94 -8.49 -11.36
N TYR B 175 -0.37 -9.26 -10.44
CA TYR B 175 0.50 -8.74 -9.40
C TYR B 175 1.80 -9.52 -9.39
N TYR B 176 2.88 -8.87 -8.93
CA TYR B 176 4.17 -9.53 -8.79
C TYR B 176 4.08 -10.61 -7.72
N LYS B 177 4.61 -11.78 -8.05
CA LYS B 177 4.55 -12.95 -7.17
C LYS B 177 5.64 -12.88 -6.11
N ARG B 178 5.36 -12.16 -5.02
CA ARG B 178 6.33 -12.08 -3.91
C ARG B 178 6.43 -13.46 -3.31
N ASP B 179 7.60 -13.79 -2.77
CA ASP B 179 7.82 -15.10 -2.21
C ASP B 179 7.34 -15.15 -0.75
N PRO B 180 6.23 -15.85 -0.48
CA PRO B 180 5.68 -15.89 0.89
C PRO B 180 6.67 -16.43 1.92
N ASP B 181 7.59 -17.30 1.51
CA ASP B 181 8.61 -17.82 2.41
C ASP B 181 9.56 -16.72 2.91
N ARG B 182 9.60 -15.60 2.18
CA ARG B 182 10.42 -14.46 2.59
C ARG B 182 9.62 -13.31 3.23
N PHE B 183 8.31 -13.53 3.44
CA PHE B 183 7.50 -12.61 4.24
C PHE B 183 7.95 -12.70 5.70
N LEU B 184 8.00 -11.54 6.35
CA LEU B 184 8.41 -11.46 7.75
C LEU B 184 7.67 -12.46 8.63
N ARG B 185 6.36 -12.56 8.49
CA ARG B 185 5.56 -13.49 9.32
C ARG B 185 5.91 -14.97 9.13
N ASN B 186 6.58 -15.30 8.02
CA ASN B 186 6.93 -16.67 7.71
C ASN B 186 8.39 -17.06 7.97
N LEU B 187 9.20 -16.10 8.43
CA LEU B 187 10.62 -16.33 8.63
C LEU B 187 10.88 -17.00 9.97
N PRO B 188 11.80 -17.96 10.01
CA PRO B 188 12.28 -18.50 11.29
C PRO B 188 13.02 -17.41 12.08
N ALA B 189 13.24 -17.65 13.38
CA ALA B 189 13.82 -16.65 14.27
C ALA B 189 15.12 -16.05 13.73
N TYR B 190 16.00 -16.88 13.20
CA TYR B 190 17.30 -16.38 12.70
C TYR B 190 17.10 -15.40 11.56
N GLU B 191 16.33 -15.81 10.55
CA GLU B 191 16.06 -14.99 9.35
C GLU B 191 15.28 -13.72 9.70
N SER B 192 14.36 -13.84 10.65
CA SER B 192 13.61 -12.69 11.15
C SER B 192 14.53 -11.66 11.80
N GLN B 193 15.49 -12.09 12.63
CA GLN B 193 16.40 -11.09 13.23
C GLN B 193 17.34 -10.49 12.19
N LYS B 194 17.79 -11.30 11.23
CA LYS B 194 18.62 -10.80 10.14
C LYS B 194 17.89 -9.72 9.36
N LEU B 195 16.62 -9.97 9.03
CA LEU B 195 15.82 -8.98 8.32
C LEU B 195 15.65 -7.70 9.17
N HIS B 196 15.40 -7.87 10.45
CA HIS B 196 15.23 -6.77 11.38
C HIS B 196 16.45 -5.86 11.36
N GLN B 197 17.61 -6.48 11.53
CA GLN B 197 18.89 -5.77 11.53
C GLN B 197 19.19 -5.12 10.18
N ALA B 198 18.95 -5.84 9.09
CA ALA B 198 19.12 -5.29 7.74
C ALA B 198 18.25 -4.04 7.52
N MET B 199 17.00 -4.11 7.98
CA MET B 199 16.09 -2.98 7.83
C MET B 199 16.47 -1.78 8.72
N GLN B 200 16.97 -2.05 9.93
CA GLN B 200 17.46 -0.99 10.82
C GLN B 200 18.68 -0.29 10.21
N THR B 201 19.58 -1.04 9.59
CA THR B 201 20.78 -0.47 8.96
C THR B 201 20.38 0.41 7.79
N SER B 202 19.43 -0.06 6.99
CA SER B 202 18.96 0.73 5.86
C SER B 202 18.26 2.01 6.32
N TYR B 203 17.41 1.90 7.34
CA TYR B 203 16.70 3.05 7.87
C TYR B 203 17.67 4.09 8.47
N ARG B 204 18.72 3.63 9.14
CA ARG B 204 19.76 4.51 9.68
C ARG B 204 20.38 5.40 8.58
N GLU B 205 20.59 4.83 7.40
CA GLU B 205 21.10 5.59 6.26
C GLU B 205 20.15 6.72 5.87
N ILE B 206 18.84 6.45 5.97
CA ILE B 206 17.85 7.48 5.68
C ILE B 206 17.96 8.60 6.70
N VAL B 207 18.00 8.20 7.97
CA VAL B 207 18.05 9.17 9.06
C VAL B 207 19.28 10.08 8.91
N LEU B 208 20.45 9.48 8.70
CA LEU B 208 21.72 10.22 8.56
C LEU B 208 21.73 11.21 7.40
N SER B 209 21.07 10.86 6.31
CA SER B 209 21.10 11.69 5.12
C SER B 209 19.89 12.60 4.95
N TYR B 210 18.87 12.45 5.80
CA TYR B 210 17.59 13.11 5.57
C TYR B 210 17.68 14.64 5.48
N PHE B 211 18.39 15.25 6.43
CA PHE B 211 18.55 16.69 6.49
C PHE B 211 19.93 17.14 5.99
N SER B 212 20.54 16.32 5.14
CA SER B 212 21.86 16.60 4.60
C SER B 212 21.80 16.98 3.11
N PRO B 213 22.53 18.02 2.73
CA PRO B 213 22.63 18.43 1.32
C PRO B 213 23.40 17.41 0.49
N ASN B 214 23.00 17.26 -0.77
CA ASN B 214 23.62 16.32 -1.72
C ASN B 214 23.71 14.90 -1.18
N SER B 215 22.67 14.48 -0.48
CA SER B 215 22.52 13.11 -0.04
C SER B 215 21.61 12.38 -1.01
N ASN B 216 21.93 11.10 -1.22
CA ASN B 216 21.19 10.22 -2.10
C ASN B 216 19.90 9.74 -1.42
N LEU B 217 19.07 10.69 -0.99
CA LEU B 217 17.94 10.40 -0.13
C LEU B 217 16.90 9.46 -0.74
N ASN B 218 16.46 9.76 -1.96
CA ASN B 218 15.43 8.97 -2.63
C ASN B 218 15.86 7.51 -2.78
N GLN B 219 17.14 7.30 -3.09
CA GLN B 219 17.72 5.97 -3.25
C GLN B 219 17.73 5.22 -1.92
N SER B 220 18.04 5.92 -0.83
CA SER B 220 18.10 5.28 0.48
C SER B 220 16.69 4.92 0.96
N ILE B 221 15.70 5.77 0.66
CA ILE B 221 14.31 5.45 0.97
C ILE B 221 13.82 4.22 0.18
N ASP B 222 14.09 4.19 -1.12
CA ASP B 222 13.69 3.08 -1.98
C ASP B 222 14.26 1.76 -1.53
N ASN B 223 15.52 1.77 -1.12
CA ASN B 223 16.19 0.59 -0.59
C ASN B 223 15.42 0.00 0.58
N PHE B 224 15.05 0.87 1.53
CA PHE B 224 14.33 0.41 2.71
C PHE B 224 12.93 -0.07 2.33
N VAL B 225 12.24 0.71 1.51
CA VAL B 225 10.83 0.46 1.16
C VAL B 225 10.70 -0.83 0.36
N ASN B 226 11.70 -1.10 -0.47
CA ASN B 226 11.75 -2.37 -1.18
C ASN B 226 11.73 -3.56 -0.23
N MET B 227 12.52 -3.49 0.84
CA MET B 227 12.48 -4.58 1.80
C MET B 227 11.13 -4.66 2.52
N ALA B 228 10.57 -3.52 2.91
CA ALA B 228 9.27 -3.52 3.61
C ALA B 228 8.16 -4.10 2.73
N PHE B 229 8.18 -3.72 1.46
CA PHE B 229 7.19 -4.17 0.48
C PHE B 229 7.32 -5.67 0.17
N PHE B 230 8.52 -6.09 -0.24
CA PHE B 230 8.72 -7.49 -0.64
C PHE B 230 8.68 -8.53 0.48
N ALA B 231 9.02 -8.10 1.70
CA ALA B 231 8.87 -8.91 2.89
C ALA B 231 7.47 -8.77 3.49
N ASP B 232 6.61 -7.97 2.84
CA ASP B 232 5.25 -7.72 3.32
C ASP B 232 5.20 -7.40 4.80
N VAL B 233 5.97 -6.38 5.19
CA VAL B 233 6.06 -5.97 6.60
C VAL B 233 4.83 -5.08 6.92
N PRO B 234 4.15 -5.33 8.06
CA PRO B 234 3.11 -4.41 8.52
C PRO B 234 3.70 -3.04 8.78
N VAL B 235 2.93 -1.98 8.51
CA VAL B 235 3.42 -0.60 8.65
C VAL B 235 3.88 -0.29 10.08
N THR B 236 3.22 -0.92 11.03
CA THR B 236 3.62 -0.87 12.44
C THR B 236 5.11 -1.23 12.68
N LYS B 237 5.66 -2.16 11.89
CA LYS B 237 7.08 -2.51 12.05
C LYS B 237 8.02 -1.45 11.52
N VAL B 238 7.54 -0.69 10.55
CA VAL B 238 8.32 0.44 10.04
C VAL B 238 8.37 1.49 11.15
N VAL B 239 7.22 1.73 11.82
CA VAL B 239 7.16 2.67 12.93
C VAL B 239 8.12 2.21 14.04
N GLU B 240 8.06 0.91 14.35
CA GLU B 240 8.93 0.29 15.36
C GLU B 240 10.40 0.52 15.06
N ILE B 241 10.81 0.24 13.81
CA ILE B 241 12.20 0.43 13.38
C ILE B 241 12.61 1.90 13.57
N HIS B 242 11.76 2.84 13.16
CA HIS B 242 12.00 4.26 13.37
C HIS B 242 12.30 4.56 14.84
N MET B 243 11.44 4.06 15.71
CA MET B 243 11.55 4.31 17.15
C MET B 243 12.79 3.66 17.75
N GLU B 244 13.14 2.49 17.25
CA GLU B 244 14.36 1.80 17.66
C GLU B 244 15.60 2.65 17.30
N LEU B 245 15.60 3.20 16.10
CA LEU B 245 16.69 4.09 15.66
C LEU B 245 16.71 5.39 16.46
N MET B 246 15.55 5.98 16.70
CA MET B 246 15.47 7.17 17.58
C MET B 246 16.06 6.91 18.98
N ASP B 247 15.81 5.72 19.54
CA ASP B 247 16.46 5.33 20.81
C ASP B 247 17.99 5.34 20.72
N GLU B 248 18.50 4.71 19.65
CA GLU B 248 19.93 4.64 19.37
C GLU B 248 20.54 6.04 19.25
N PHE B 249 19.89 6.92 18.47
CA PHE B 249 20.37 8.29 18.35
C PHE B 249 20.25 9.09 19.65
N ALA B 250 19.19 8.85 20.42
CA ALA B 250 19.01 9.51 21.73
C ALA B 250 20.12 9.20 22.73
N LYS B 251 20.65 7.97 22.66
CA LYS B 251 21.77 7.56 23.50
C LYS B 251 23.06 8.24 23.04
N LYS B 252 23.23 8.35 21.73
CA LYS B 252 24.40 9.03 21.15
C LYS B 252 24.38 10.54 21.43
N LEU B 253 23.18 11.13 21.47
CA LEU B 253 23.03 12.54 21.78
C LEU B 253 23.32 12.85 23.26
N ARG B 254 22.89 11.96 24.14
CA ARG B 254 23.10 12.13 25.58
C ARG B 254 24.58 12.16 25.94
N VAL B 255 25.36 11.32 25.28
CA VAL B 255 26.82 11.29 25.45
C VAL B 255 27.45 12.59 24.94
N GLU B 256 26.82 13.18 23.93
CA GLU B 256 27.29 14.43 23.35
C GLU B 256 26.87 15.65 24.16
N GLY B 257 26.03 15.45 25.17
CA GLY B 257 25.44 16.53 25.93
C GLY B 257 24.45 17.33 25.10
N ARG B 258 23.92 16.69 24.07
CA ARG B 258 22.94 17.31 23.17
C ARG B 258 21.53 16.93 23.57
N SER B 259 20.59 17.85 23.33
CA SER B 259 19.18 17.64 23.64
C SER B 259 18.54 16.59 22.73
N GLU B 260 17.76 15.69 23.33
CA GLU B 260 17.05 14.65 22.61
C GLU B 260 15.82 15.16 21.83
N ASP B 261 15.54 16.47 21.94
CA ASP B 261 14.38 17.09 21.27
C ASP B 261 14.54 17.21 19.77
N ILE B 262 15.79 17.31 19.30
CA ILE B 262 16.06 17.46 17.88
C ILE B 262 15.63 16.20 17.10
N LEU B 263 15.42 15.11 17.83
CA LEU B 263 14.99 13.86 17.23
C LEU B 263 13.55 13.95 16.72
N LEU B 264 12.78 14.86 17.30
CA LEU B 264 11.41 15.13 16.87
C LEU B 264 11.33 15.56 15.41
N ASP B 265 12.38 16.20 14.90
CA ASP B 265 12.49 16.56 13.48
C ASP B 265 12.37 15.33 12.56
N TYR B 266 12.77 14.16 13.07
CA TYR B 266 12.76 12.93 12.29
C TYR B 266 11.37 12.31 12.11
N ARG B 267 10.35 12.89 12.73
CA ARG B 267 8.98 12.49 12.44
C ARG B 267 8.66 12.71 10.97
N LEU B 268 9.30 13.73 10.40
CA LEU B 268 9.17 14.07 9.00
C LEU B 268 9.70 12.95 8.11
N THR B 269 10.78 12.32 8.56
CA THR B 269 11.40 11.19 7.86
C THR B 269 10.42 10.02 7.82
N LEU B 270 9.80 9.75 8.98
CA LEU B 270 8.87 8.66 9.09
C LEU B 270 7.65 8.86 8.19
N ILE B 271 7.09 10.07 8.23
CA ILE B 271 6.05 10.45 7.29
C ILE B 271 6.46 10.11 5.84
N ASP B 272 7.65 10.56 5.47
CA ASP B 272 8.20 10.37 4.13
C ASP B 272 8.37 8.89 3.75
N VAL B 273 8.95 8.11 4.65
CA VAL B 273 9.15 6.69 4.37
C VAL B 273 7.80 5.95 4.22
N ILE B 274 6.87 6.19 5.14
CA ILE B 274 5.54 5.57 5.05
C ILE B 274 4.79 6.02 3.80
N ALA B 275 4.94 7.30 3.43
CA ALA B 275 4.34 7.83 2.20
C ALA B 275 4.81 7.03 1.01
N HIS B 276 6.13 6.80 0.96
CA HIS B 276 6.73 6.03 -0.12
C HIS B 276 6.23 4.59 -0.17
N LEU B 277 6.13 3.95 1.00
CA LEU B 277 5.63 2.58 1.06
C LEU B 277 4.20 2.49 0.55
N CYS B 278 3.34 3.39 1.04
CA CYS B 278 1.95 3.50 0.61
C CYS B 278 1.85 3.70 -0.91
N GLU B 279 2.64 4.60 -1.45
CA GLU B 279 2.62 4.84 -2.90
C GLU B 279 3.07 3.61 -3.69
N MET B 280 4.03 2.85 -3.15
CA MET B 280 4.43 1.60 -3.80
C MET B 280 3.28 0.58 -3.88
N TYR B 281 2.55 0.37 -2.80
CA TYR B 281 1.33 -0.42 -2.84
C TYR B 281 0.25 0.18 -3.77
N ARG B 282 0.05 1.49 -3.68
CA ARG B 282 -1.02 2.16 -4.46
C ARG B 282 -0.78 2.01 -5.96
N ARG B 283 0.46 2.25 -6.37
CA ARG B 283 0.81 2.17 -7.78
C ARG B 283 0.84 0.73 -8.30
N SER B 284 0.83 -0.25 -7.40
CA SER B 284 0.87 -1.66 -7.78
C SER B 284 -0.51 -2.26 -8.09
N ILE B 285 -1.58 -1.51 -7.78
CA ILE B 285 -2.94 -1.96 -8.09
C ILE B 285 -3.16 -1.88 -9.60
N PRO B 286 -3.51 -3.01 -10.24
CA PRO B 286 -3.69 -3.06 -11.69
C PRO B 286 -4.87 -2.22 -12.19
N ARG B 287 -4.84 -1.91 -13.49
CA ARG B 287 -5.91 -1.21 -14.22
C ARG B 287 -5.88 0.30 -14.01
#